data_8VPU
#
_entry.id   8VPU
#
_cell.length_a   78.920
_cell.length_b   89.440
_cell.length_c   100.330
_cell.angle_alpha   90.000
_cell.angle_beta   90.000
_cell.angle_gamma   90.000
#
_symmetry.space_group_name_H-M   'P 21 21 21'
#
loop_
_entity.id
_entity.type
_entity.pdbx_description
1 polymer 'Importin subunit alpha-1'
2 polymer 'RNA-directed RNA polymerase NS5 central NLS peptide'
3 water water
#
loop_
_entity_poly.entity_id
_entity_poly.type
_entity_poly.pdbx_seq_one_letter_code
_entity_poly.pdbx_strand_id
1 'polypeptide(L)'
;MHHHHHHSSGLVPRGSGMLETAAALFERNHMDSPDLGTDDDDLAMADIGSNQGTVNWSVEDIVKGINSNNLESQLQATQA
ARKLLSREKQPPIDNIIRAGLIPKFVSFLGKTDCSPIQFESAWALTNIASGTSEQTKAVVDGGAIPAFISLLASPHAHIS
EQAVWALGNIAGDGSAFRDLVIKHGAIDPLLALLAVPDLSTLACGYLRNLTWTLSNLCRNKNPAPPLDAVEQILPTLVRL
LHHNDPEVLADSCWAISYLTDGPNERIEMVVKKGVVPQLVKLLGATELPIVTPALRAIGNIVTGTDEQTQKVIDAGALAV
FPSLLTNPKTNIQKEATWTMSNITAGRQDQIQQVVNHGLVPFLVGVLSKADFKTQKEAAWAITNYTSGGTVEQIVYLVHC
GIIEPLMNLLSAKDTKIIQVILDAISNIFQAAEKLGETEKLSIMIEECGGLDKIEALQRHENESVYKASLNLIEKYFSVE
EEEDQNVVPETTSEGFAFQVQDGAPGTFNF
;
A
2 'polypeptide(L)' KVMEITAEWLWRTLGRNKRPRLCTREEFTKKVRTNAA B
#
# COMPACT_ATOMS: atom_id res chain seq x y z
N GLY A 53 -14.27 -35.10 -20.24
CA GLY A 53 -13.93 -36.04 -19.19
C GLY A 53 -14.32 -35.55 -17.80
N THR A 54 -13.67 -34.48 -17.36
CA THR A 54 -13.87 -33.95 -16.02
C THR A 54 -14.55 -32.58 -16.02
N VAL A 55 -15.26 -32.25 -17.09
CA VAL A 55 -15.88 -30.93 -17.22
C VAL A 55 -17.28 -30.97 -16.61
N ASN A 56 -17.50 -30.14 -15.58
CA ASN A 56 -18.82 -29.87 -15.04
C ASN A 56 -19.45 -31.12 -14.40
N TRP A 57 -18.69 -31.77 -13.53
CA TRP A 57 -19.27 -32.80 -12.68
C TRP A 57 -20.16 -32.16 -11.63
N SER A 58 -21.07 -32.97 -11.07
CA SER A 58 -21.78 -32.57 -9.87
C SER A 58 -20.91 -32.83 -8.64
N VAL A 59 -21.23 -32.12 -7.55
CA VAL A 59 -20.50 -32.35 -6.30
C VAL A 59 -20.70 -33.79 -5.83
N GLU A 60 -21.88 -34.35 -6.09
CA GLU A 60 -22.15 -35.74 -5.71
C GLU A 60 -21.23 -36.71 -6.43
N ASP A 61 -20.99 -36.47 -7.72
CA ASP A 61 -20.10 -37.34 -8.48
C ASP A 61 -18.66 -37.20 -8.00
N ILE A 62 -18.23 -35.98 -7.71
CA ILE A 62 -16.89 -35.75 -7.17
C ILE A 62 -16.70 -36.52 -5.88
N VAL A 63 -17.70 -36.45 -4.99
CA VAL A 63 -17.65 -37.15 -3.72
C VAL A 63 -17.51 -38.66 -3.95
N LYS A 64 -18.37 -39.20 -4.79
CA LYS A 64 -18.36 -40.64 -5.08
C LYS A 64 -17.00 -41.09 -5.61
N GLY A 65 -16.38 -40.25 -6.45
CA GLY A 65 -15.07 -40.62 -6.98
C GLY A 65 -13.97 -40.52 -5.94
N ILE A 66 -13.99 -39.47 -5.12
CA ILE A 66 -12.94 -39.28 -4.12
C ILE A 66 -13.04 -40.34 -3.04
N ASN A 67 -14.25 -40.86 -2.80
CA ASN A 67 -14.44 -41.91 -1.80
C ASN A 67 -14.21 -43.30 -2.36
N SER A 68 -14.00 -43.45 -3.67
CA SER A 68 -13.65 -44.75 -4.22
C SER A 68 -12.30 -45.20 -3.66
N ASN A 69 -12.06 -46.51 -3.73
CA ASN A 69 -10.77 -47.06 -3.33
C ASN A 69 -9.80 -47.16 -4.50
N ASN A 70 -9.78 -46.15 -5.37
CA ASN A 70 -9.06 -46.20 -6.63
C ASN A 70 -8.38 -44.86 -6.85
N LEU A 71 -7.05 -44.86 -6.80
CA LEU A 71 -6.30 -43.61 -6.86
C LEU A 71 -6.59 -42.84 -8.14
N GLU A 72 -6.78 -43.55 -9.26
CA GLU A 72 -7.05 -42.86 -10.51
C GLU A 72 -8.45 -42.27 -10.53
N SER A 73 -9.44 -42.99 -10.01
CA SER A 73 -10.76 -42.42 -9.86
C SER A 73 -10.73 -41.19 -8.97
N GLN A 74 -9.93 -41.23 -7.90
CA GLN A 74 -9.79 -40.07 -7.05
C GLN A 74 -9.14 -38.91 -7.78
N LEU A 75 -8.14 -39.21 -8.62
CA LEU A 75 -7.47 -38.15 -9.37
C LEU A 75 -8.42 -37.48 -10.35
N GLN A 76 -9.24 -38.26 -11.04
CA GLN A 76 -10.22 -37.68 -11.96
C GLN A 76 -11.24 -36.85 -11.21
N ALA A 77 -11.73 -37.34 -10.07
CA ALA A 77 -12.69 -36.58 -9.29
C ALA A 77 -12.06 -35.31 -8.74
N THR A 78 -10.80 -35.38 -8.33
CA THR A 78 -10.12 -34.18 -7.82
C THR A 78 -9.95 -33.14 -8.92
N GLN A 79 -9.60 -33.59 -10.13
CA GLN A 79 -9.50 -32.65 -11.25
C GLN A 79 -10.85 -32.04 -11.58
N ALA A 80 -11.91 -32.83 -11.54
CA ALA A 80 -13.25 -32.29 -11.74
C ALA A 80 -13.56 -31.22 -10.71
N ALA A 81 -13.19 -31.46 -9.45
CA ALA A 81 -13.34 -30.45 -8.42
C ALA A 81 -12.56 -29.19 -8.78
N ARG A 82 -11.32 -29.36 -9.25
CA ARG A 82 -10.51 -28.19 -9.61
C ARG A 82 -11.18 -27.37 -10.69
N LYS A 83 -11.80 -28.02 -11.68
CA LYS A 83 -12.42 -27.28 -12.76
C LYS A 83 -13.68 -26.56 -12.27
N LEU A 84 -14.47 -27.22 -11.42
CA LEU A 84 -15.60 -26.54 -10.80
C LEU A 84 -15.14 -25.30 -10.05
N LEU A 85 -14.08 -25.43 -9.26
CA LEU A 85 -13.57 -24.33 -8.45
C LEU A 85 -12.80 -23.30 -9.28
N SER A 86 -12.50 -23.61 -10.53
CA SER A 86 -11.77 -22.71 -11.41
C SER A 86 -12.68 -21.82 -12.25
N ARG A 87 -13.97 -22.12 -12.31
CA ARG A 87 -14.88 -21.30 -13.08
C ARG A 87 -15.11 -19.96 -12.39
N GLU A 88 -15.24 -18.91 -13.20
CA GLU A 88 -15.22 -17.55 -12.68
C GLU A 88 -16.53 -17.16 -11.98
N LYS A 89 -17.66 -17.75 -12.39
CA LYS A 89 -18.96 -17.36 -11.89
C LYS A 89 -19.42 -18.33 -10.81
N GLN A 90 -19.41 -17.87 -9.58
CA GLN A 90 -19.96 -18.57 -8.42
C GLN A 90 -19.37 -19.97 -8.26
N PRO A 91 -18.07 -20.10 -8.02
CA PRO A 91 -17.51 -21.43 -7.71
C PRO A 91 -18.14 -22.00 -6.46
N PRO A 92 -18.62 -23.26 -6.51
CA PRO A 92 -19.34 -23.82 -5.34
C PRO A 92 -18.42 -24.19 -4.19
N ILE A 93 -17.76 -23.17 -3.63
CA ILE A 93 -16.77 -23.41 -2.57
C ILE A 93 -17.45 -24.05 -1.36
N ASP A 94 -18.59 -23.50 -0.93
CA ASP A 94 -19.21 -23.98 0.29
C ASP A 94 -19.73 -25.39 0.14
N ASN A 95 -20.33 -25.72 -1.01
CA ASN A 95 -20.77 -27.10 -1.25
C ASN A 95 -19.60 -28.06 -1.15
N ILE A 96 -18.43 -27.67 -1.68
CA ILE A 96 -17.25 -28.52 -1.61
C ILE A 96 -16.82 -28.71 -0.16
N ILE A 97 -16.83 -27.63 0.62
CA ILE A 97 -16.49 -27.73 2.04
C ILE A 97 -17.50 -28.61 2.77
N ARG A 98 -18.79 -28.36 2.56
CA ARG A 98 -19.85 -29.12 3.28
C ARG A 98 -19.75 -30.61 2.98
N ALA A 99 -19.32 -30.97 1.77
CA ALA A 99 -19.16 -32.38 1.35
C ALA A 99 -17.99 -33.04 2.08
N GLY A 100 -17.25 -32.31 2.91
CA GLY A 100 -16.15 -32.89 3.65
C GLY A 100 -14.92 -33.20 2.82
N LEU A 101 -14.71 -32.47 1.73
CA LEU A 101 -13.65 -32.84 0.79
C LEU A 101 -12.29 -32.28 1.18
N ILE A 102 -12.21 -31.27 2.04
CA ILE A 102 -10.92 -30.65 2.35
C ILE A 102 -9.94 -31.66 2.92
N PRO A 103 -10.28 -32.44 3.95
CA PRO A 103 -9.29 -33.40 4.48
C PRO A 103 -8.78 -34.36 3.43
N LYS A 104 -9.61 -34.73 2.45
CA LYS A 104 -9.17 -35.61 1.38
C LYS A 104 -8.12 -34.90 0.52
N PHE A 105 -8.42 -33.69 0.07
CA PHE A 105 -7.47 -32.91 -0.71
C PHE A 105 -6.14 -32.78 0.03
N VAL A 106 -6.20 -32.46 1.32
CA VAL A 106 -4.97 -32.25 2.09
C VAL A 106 -4.13 -33.53 2.10
N SER A 107 -4.79 -34.68 2.29
CA SER A 107 -4.06 -35.94 2.25
C SER A 107 -3.48 -36.19 0.86
N PHE A 108 -4.17 -35.74 -0.19
CA PHE A 108 -3.64 -35.92 -1.54
C PHE A 108 -2.38 -35.09 -1.76
N LEU A 109 -2.23 -33.99 -1.03
CA LEU A 109 -1.02 -33.19 -1.16
C LEU A 109 0.23 -34.00 -0.84
N GLY A 110 0.10 -35.02 0.00
CA GLY A 110 1.21 -35.81 0.44
C GLY A 110 1.49 -37.06 -0.37
N LYS A 111 0.78 -37.28 -1.47
CA LYS A 111 0.97 -38.47 -2.29
C LYS A 111 2.08 -38.22 -3.29
N THR A 112 3.32 -38.32 -2.79
CA THR A 112 4.49 -38.15 -3.65
C THR A 112 4.45 -39.09 -4.85
N ASP A 113 3.95 -40.31 -4.64
CA ASP A 113 3.90 -41.30 -5.70
C ASP A 113 2.98 -40.90 -6.84
N CYS A 114 2.11 -39.90 -6.65
CA CYS A 114 1.15 -39.48 -7.67
C CYS A 114 1.13 -37.94 -7.73
N SER A 115 2.08 -37.39 -8.47
CA SER A 115 2.25 -35.94 -8.50
C SER A 115 1.07 -35.23 -9.14
N PRO A 116 0.38 -35.82 -10.12
CA PRO A 116 -0.79 -35.11 -10.68
C PRO A 116 -1.89 -34.85 -9.65
N ILE A 117 -2.13 -35.76 -8.72
CA ILE A 117 -3.17 -35.52 -7.73
C ILE A 117 -2.69 -34.54 -6.67
N GLN A 118 -1.37 -34.46 -6.45
CA GLN A 118 -0.83 -33.37 -5.65
C GLN A 118 -1.16 -32.03 -6.29
N PHE A 119 -0.92 -31.92 -7.60
CA PHE A 119 -1.17 -30.67 -8.30
C PHE A 119 -2.64 -30.30 -8.30
N GLU A 120 -3.50 -31.26 -8.68
CA GLU A 120 -4.93 -30.98 -8.75
C GLU A 120 -5.48 -30.58 -7.39
N SER A 121 -5.08 -31.29 -6.33
CA SER A 121 -5.56 -30.96 -4.99
C SER A 121 -4.99 -29.64 -4.51
N ALA A 122 -3.73 -29.36 -4.84
CA ALA A 122 -3.15 -28.06 -4.51
C ALA A 122 -3.94 -26.92 -5.16
N TRP A 123 -4.34 -27.11 -6.42
CA TRP A 123 -5.08 -26.09 -7.14
C TRP A 123 -6.49 -25.92 -6.56
N ALA A 124 -7.17 -27.04 -6.30
CA ALA A 124 -8.49 -26.97 -5.66
C ALA A 124 -8.40 -26.22 -4.34
N LEU A 125 -7.45 -26.59 -3.49
CA LEU A 125 -7.33 -25.95 -2.19
C LEU A 125 -6.90 -24.49 -2.31
N THR A 126 -6.09 -24.17 -3.32
CA THR A 126 -5.74 -22.77 -3.55
C THR A 126 -6.99 -21.92 -3.74
N ASN A 127 -7.94 -22.41 -4.53
CA ASN A 127 -9.13 -21.62 -4.86
C ASN A 127 -10.13 -21.58 -3.72
N ILE A 128 -10.19 -22.63 -2.89
CA ILE A 128 -10.97 -22.54 -1.67
C ILE A 128 -10.36 -21.51 -0.73
N ALA A 129 -9.04 -21.53 -0.58
CA ALA A 129 -8.35 -20.60 0.32
C ALA A 129 -8.44 -19.16 -0.18
N SER A 130 -8.77 -18.94 -1.45
CA SER A 130 -8.90 -17.61 -2.00
C SER A 130 -10.20 -16.93 -1.61
N GLY A 131 -11.10 -17.64 -0.93
CA GLY A 131 -12.40 -17.10 -0.62
C GLY A 131 -12.46 -16.28 0.65
N THR A 132 -13.55 -16.43 1.39
CA THR A 132 -13.74 -15.71 2.63
C THR A 132 -12.81 -16.24 3.71
N SER A 133 -12.68 -15.47 4.79
CA SER A 133 -11.84 -15.88 5.94
C SER A 133 -12.34 -17.21 6.50
N GLU A 134 -13.64 -17.48 6.42
CA GLU A 134 -14.22 -18.76 6.90
C GLU A 134 -13.78 -19.89 5.95
N GLN A 135 -13.71 -19.63 4.66
CA GLN A 135 -13.29 -20.63 3.66
C GLN A 135 -11.77 -20.87 3.81
N THR A 136 -10.97 -19.80 3.94
CA THR A 136 -9.54 -19.99 4.19
C THR A 136 -9.32 -20.77 5.48
N LYS A 137 -10.11 -20.47 6.52
CA LYS A 137 -9.98 -21.17 7.79
C LYS A 137 -10.22 -22.67 7.62
N ALA A 138 -11.19 -23.04 6.80
CA ALA A 138 -11.47 -24.45 6.57
C ALA A 138 -10.25 -25.16 5.99
N VAL A 139 -9.53 -24.50 5.09
CA VAL A 139 -8.32 -25.10 4.51
C VAL A 139 -7.24 -25.25 5.58
N VAL A 140 -7.02 -24.19 6.37
CA VAL A 140 -6.03 -24.25 7.43
C VAL A 140 -6.40 -25.35 8.42
N ASP A 141 -7.69 -25.44 8.78
CA ASP A 141 -8.11 -26.40 9.79
C ASP A 141 -7.92 -27.83 9.32
N GLY A 142 -7.89 -28.06 8.02
CA GLY A 142 -7.61 -29.38 7.49
C GLY A 142 -6.15 -29.77 7.52
N GLY A 143 -5.29 -28.92 8.05
CA GLY A 143 -3.87 -29.20 8.11
C GLY A 143 -3.09 -28.83 6.87
N ALA A 144 -3.62 -27.92 6.05
CA ALA A 144 -3.01 -27.67 4.75
C ALA A 144 -1.64 -27.00 4.86
N ILE A 145 -1.39 -26.24 5.92
CA ILE A 145 -0.22 -25.38 5.95
C ILE A 145 1.06 -26.22 5.92
N PRO A 146 1.29 -27.13 6.86
CA PRO A 146 2.53 -27.94 6.76
C PRO A 146 2.61 -28.77 5.49
N ALA A 147 1.46 -29.22 4.96
CA ALA A 147 1.47 -30.01 3.74
C ALA A 147 1.91 -29.17 2.54
N PHE A 148 1.46 -27.91 2.48
CA PHE A 148 1.91 -27.04 1.40
C PHE A 148 3.39 -26.69 1.54
N ILE A 149 3.87 -26.53 2.78
CA ILE A 149 5.28 -26.20 2.97
C ILE A 149 6.15 -27.37 2.53
N SER A 150 5.71 -28.60 2.80
CA SER A 150 6.43 -29.76 2.29
C SER A 150 6.49 -29.75 0.76
N LEU A 151 5.40 -29.31 0.12
CA LEU A 151 5.36 -29.32 -1.33
C LEU A 151 6.25 -28.26 -1.96
N LEU A 152 6.68 -27.26 -1.19
CA LEU A 152 7.64 -26.30 -1.72
C LEU A 152 8.91 -27.00 -2.18
N ALA A 153 9.21 -28.17 -1.61
CA ALA A 153 10.38 -28.96 -1.98
C ALA A 153 10.17 -29.79 -3.24
N SER A 154 8.97 -29.77 -3.82
CA SER A 154 8.66 -30.70 -4.88
C SER A 154 9.60 -30.51 -6.07
N PRO A 155 10.04 -31.59 -6.72
CA PRO A 155 10.86 -31.44 -7.94
C PRO A 155 10.08 -30.97 -9.15
N HIS A 156 8.75 -31.00 -9.11
CA HIS A 156 7.91 -30.49 -10.18
C HIS A 156 7.62 -29.02 -9.90
N ALA A 157 8.06 -28.14 -10.80
CA ALA A 157 7.94 -26.71 -10.56
C ALA A 157 6.48 -26.24 -10.57
N HIS A 158 5.64 -26.86 -11.39
CA HIS A 158 4.24 -26.46 -11.41
C HIS A 158 3.53 -26.81 -10.10
N ILE A 159 4.03 -27.81 -9.37
CA ILE A 159 3.46 -28.14 -8.06
C ILE A 159 4.00 -27.21 -6.99
N SER A 160 5.31 -26.97 -6.99
CA SER A 160 5.89 -26.01 -6.05
C SER A 160 5.23 -24.65 -6.20
N GLU A 161 5.06 -24.19 -7.44
CA GLU A 161 4.39 -22.92 -7.69
C GLU A 161 3.00 -22.90 -7.05
N GLN A 162 2.24 -23.99 -7.19
CA GLN A 162 0.89 -24.00 -6.65
C GLN A 162 0.90 -23.95 -5.13
N ALA A 163 1.88 -24.59 -4.49
CA ALA A 163 2.02 -24.49 -3.05
C ALA A 163 2.36 -23.06 -2.63
N VAL A 164 3.24 -22.40 -3.40
CA VAL A 164 3.53 -20.99 -3.15
C VAL A 164 2.26 -20.17 -3.19
N TRP A 165 1.45 -20.36 -4.23
CA TRP A 165 0.20 -19.63 -4.41
C TRP A 165 -0.74 -19.85 -3.22
N ALA A 166 -0.93 -21.11 -2.83
CA ALA A 166 -1.86 -21.42 -1.74
C ALA A 166 -1.41 -20.75 -0.45
N LEU A 167 -0.12 -20.84 -0.12
CA LEU A 167 0.37 -20.19 1.08
C LEU A 167 0.20 -18.68 1.01
N GLY A 168 0.25 -18.11 -0.19
CA GLY A 168 -0.02 -16.69 -0.34
C GLY A 168 -1.45 -16.33 0.02
N ASN A 169 -2.41 -17.16 -0.40
CA ASN A 169 -3.80 -16.91 -0.05
C ASN A 169 -4.03 -17.06 1.44
N ILE A 170 -3.41 -18.07 2.06
CA ILE A 170 -3.56 -18.29 3.49
C ILE A 170 -2.95 -17.12 4.26
N ALA A 171 -1.69 -16.79 3.96
CA ALA A 171 -1.05 -15.65 4.64
C ALA A 171 -1.82 -14.37 4.38
N GLY A 172 -2.39 -14.22 3.17
CA GLY A 172 -3.11 -13.02 2.83
C GLY A 172 -4.40 -12.80 3.59
N ASP A 173 -4.84 -13.80 4.37
CA ASP A 173 -6.08 -13.65 5.11
C ASP A 173 -5.96 -12.62 6.23
N GLY A 174 -4.80 -12.51 6.84
CA GLY A 174 -4.63 -11.60 7.95
C GLY A 174 -3.45 -11.98 8.81
N SER A 175 -3.28 -11.20 9.88
CA SER A 175 -2.10 -11.30 10.73
C SER A 175 -1.94 -12.71 11.30
N ALA A 176 -3.05 -13.30 11.78
CA ALA A 176 -2.95 -14.57 12.50
C ALA A 176 -2.47 -15.69 11.59
N PHE A 177 -3.12 -15.85 10.44
CA PHE A 177 -2.70 -16.90 9.52
C PHE A 177 -1.34 -16.61 8.89
N ARG A 178 -1.02 -15.32 8.69
CA ARG A 178 0.32 -14.95 8.24
C ARG A 178 1.38 -15.45 9.22
N ASP A 179 1.20 -15.15 10.51
CA ASP A 179 2.17 -15.57 11.51
C ASP A 179 2.18 -17.08 11.69
N LEU A 180 1.03 -17.73 11.50
CA LEU A 180 0.99 -19.18 11.61
C LEU A 180 1.76 -19.84 10.46
N VAL A 181 1.62 -19.30 9.25
CA VAL A 181 2.42 -19.78 8.13
C VAL A 181 3.90 -19.62 8.44
N ILE A 182 4.27 -18.50 9.06
CA ILE A 182 5.67 -18.27 9.41
C ILE A 182 6.13 -19.25 10.48
N LYS A 183 5.27 -19.53 11.46
CA LYS A 183 5.64 -20.44 12.54
C LYS A 183 5.86 -21.86 12.01
N HIS A 184 5.09 -22.27 11.01
CA HIS A 184 5.28 -23.58 10.40
C HIS A 184 6.55 -23.67 9.56
N GLY A 185 7.27 -22.56 9.40
CA GLY A 185 8.56 -22.60 8.74
C GLY A 185 8.56 -22.34 7.25
N ALA A 186 7.63 -21.51 6.77
CA ALA A 186 7.50 -21.35 5.33
C ALA A 186 8.63 -20.53 4.73
N ILE A 187 9.23 -19.62 5.49
CA ILE A 187 10.10 -18.61 4.89
C ILE A 187 11.35 -19.23 4.30
N ASP A 188 12.00 -20.14 5.03
CA ASP A 188 13.23 -20.73 4.52
C ASP A 188 13.04 -21.41 3.17
N PRO A 189 12.09 -22.34 3.01
CA PRO A 189 11.94 -22.98 1.70
C PRO A 189 11.45 -22.04 0.61
N LEU A 190 10.68 -20.99 0.94
CA LEU A 190 10.30 -20.02 -0.08
C LEU A 190 11.52 -19.27 -0.61
N LEU A 191 12.37 -18.79 0.31
CA LEU A 191 13.56 -18.06 -0.12
C LEU A 191 14.54 -18.98 -0.85
N ALA A 192 14.59 -20.25 -0.46
CA ALA A 192 15.45 -21.20 -1.17
C ALA A 192 15.08 -21.31 -2.64
N LEU A 193 13.79 -21.16 -2.97
CA LEU A 193 13.37 -21.25 -4.36
C LEU A 193 13.97 -20.13 -5.21
N LEU A 194 14.40 -19.03 -4.59
CA LEU A 194 14.99 -17.91 -5.29
C LEU A 194 16.51 -17.89 -5.20
N ALA A 195 17.12 -18.96 -4.67
CA ALA A 195 18.56 -19.03 -4.51
C ALA A 195 19.19 -19.50 -5.83
N VAL A 196 19.13 -18.62 -6.82
CA VAL A 196 19.76 -18.87 -8.11
C VAL A 196 20.66 -17.69 -8.46
N PRO A 197 21.68 -17.87 -9.30
CA PRO A 197 22.56 -16.74 -9.63
C PRO A 197 21.84 -15.63 -10.37
N ASP A 198 20.88 -15.97 -11.23
CA ASP A 198 20.18 -15.00 -12.06
C ASP A 198 18.70 -15.32 -12.04
N LEU A 199 17.90 -14.39 -11.52
CA LEU A 199 16.46 -14.62 -11.43
C LEU A 199 15.83 -14.82 -12.80
N SER A 200 16.51 -14.39 -13.87
CA SER A 200 15.93 -14.46 -15.20
C SER A 200 15.78 -15.90 -15.71
N THR A 201 16.48 -16.85 -15.08
CA THR A 201 16.35 -18.25 -15.47
C THR A 201 15.06 -18.89 -14.97
N LEU A 202 14.33 -18.23 -14.07
CA LEU A 202 13.07 -18.74 -13.58
C LEU A 202 11.93 -18.25 -14.47
N ALA A 203 10.93 -19.10 -14.68
CA ALA A 203 9.74 -18.68 -15.39
C ALA A 203 9.14 -17.47 -14.68
N CYS A 204 8.67 -16.49 -15.46
CA CYS A 204 8.25 -15.23 -14.85
C CYS A 204 6.93 -15.37 -14.11
N GLY A 205 6.04 -16.25 -14.57
CA GLY A 205 4.87 -16.56 -13.77
C GLY A 205 5.25 -17.11 -12.40
N TYR A 206 6.19 -18.04 -12.37
CA TYR A 206 6.70 -18.61 -11.13
C TYR A 206 7.27 -17.52 -10.22
N LEU A 207 8.08 -16.64 -10.81
CA LEU A 207 8.72 -15.57 -10.03
C LEU A 207 7.69 -14.57 -9.53
N ARG A 208 6.67 -14.28 -10.34
CA ARG A 208 5.62 -13.37 -9.89
C ARG A 208 4.86 -13.95 -8.71
N ASN A 209 4.50 -15.23 -8.77
CA ASN A 209 3.79 -15.86 -7.67
C ASN A 209 4.61 -15.81 -6.39
N LEU A 210 5.91 -16.10 -6.49
CA LEU A 210 6.76 -16.06 -5.30
C LEU A 210 6.82 -14.67 -4.71
N THR A 211 7.07 -13.65 -5.55
CA THR A 211 7.13 -12.28 -5.05
C THR A 211 5.81 -11.90 -4.38
N TRP A 212 4.68 -12.27 -4.98
CA TRP A 212 3.39 -11.92 -4.41
C TRP A 212 3.18 -12.57 -3.06
N THR A 213 3.51 -13.86 -2.93
CA THR A 213 3.34 -14.54 -1.66
C THR A 213 4.27 -13.94 -0.60
N LEU A 214 5.49 -13.57 -0.98
CA LEU A 214 6.38 -12.89 -0.05
C LEU A 214 5.77 -11.58 0.42
N SER A 215 5.14 -10.84 -0.50
CA SER A 215 4.52 -9.57 -0.12
C SER A 215 3.40 -9.79 0.90
N ASN A 216 2.69 -10.92 0.82
CA ASN A 216 1.64 -11.18 1.81
C ASN A 216 2.22 -11.56 3.16
N LEU A 217 3.43 -12.13 3.19
CA LEU A 217 4.09 -12.37 4.47
C LEU A 217 4.60 -11.09 5.10
N CYS A 218 4.74 -10.03 4.30
CA CYS A 218 5.12 -8.71 4.81
C CYS A 218 3.91 -7.86 5.15
N ARG A 219 2.70 -8.32 4.84
CA ARG A 219 1.53 -7.47 4.94
C ARG A 219 0.89 -7.53 6.32
N ASN A 220 0.14 -6.47 6.62
CA ASN A 220 -0.81 -6.38 7.72
C ASN A 220 -0.18 -5.95 9.04
N LYS A 221 -1.04 -5.47 9.94
CA LYS A 221 -0.62 -4.79 11.16
C LYS A 221 -1.48 -5.27 12.31
N ASN A 222 -1.07 -4.90 13.53
CA ASN A 222 -1.80 -5.30 14.72
C ASN A 222 -1.91 -6.83 14.78
N PRO A 223 -0.79 -7.54 14.86
CA PRO A 223 0.59 -7.00 14.85
C PRO A 223 1.23 -6.98 13.46
N ALA A 224 2.31 -6.22 13.32
CA ALA A 224 3.16 -6.31 12.14
C ALA A 224 3.90 -7.64 12.16
N PRO A 225 4.46 -8.05 11.03
CA PRO A 225 5.16 -9.36 10.99
C PRO A 225 6.31 -9.40 11.98
N PRO A 226 6.73 -10.58 12.40
CA PRO A 226 7.85 -10.66 13.34
C PRO A 226 9.11 -10.02 12.77
N LEU A 227 9.81 -9.28 13.61
CA LEU A 227 11.02 -8.58 13.17
C LEU A 227 12.00 -9.53 12.50
N ASP A 228 12.22 -10.70 13.10
CA ASP A 228 13.19 -11.64 12.56
C ASP A 228 12.74 -12.21 11.22
N ALA A 229 11.42 -12.32 11.01
CA ALA A 229 10.93 -12.72 9.70
C ALA A 229 11.18 -11.62 8.67
N VAL A 230 10.98 -10.37 9.07
CA VAL A 230 11.21 -9.24 8.17
C VAL A 230 12.69 -9.16 7.79
N GLU A 231 13.57 -9.29 8.78
CA GLU A 231 15.01 -9.28 8.49
C GLU A 231 15.40 -10.41 7.55
N GLN A 232 14.76 -11.58 7.72
CA GLN A 232 15.03 -12.73 6.88
C GLN A 232 14.61 -12.49 5.44
N ILE A 233 13.50 -11.80 5.24
CA ILE A 233 12.94 -11.63 3.90
C ILE A 233 13.54 -10.45 3.16
N LEU A 234 14.00 -9.42 3.86
CA LEU A 234 14.36 -8.18 3.19
C LEU A 234 15.44 -8.34 2.13
N PRO A 235 16.53 -9.09 2.36
CA PRO A 235 17.56 -9.19 1.31
C PRO A 235 17.01 -9.71 -0.01
N THR A 236 16.03 -10.62 0.03
CA THR A 236 15.46 -11.12 -1.21
C THR A 236 14.56 -10.08 -1.87
N LEU A 237 13.84 -9.30 -1.05
CA LEU A 237 13.05 -8.21 -1.62
C LEU A 237 13.93 -7.18 -2.31
N VAL A 238 15.07 -6.83 -1.70
CA VAL A 238 15.99 -5.88 -2.33
C VAL A 238 16.38 -6.38 -3.72
N ARG A 239 16.72 -7.67 -3.82
CA ARG A 239 17.12 -8.26 -5.08
C ARG A 239 15.96 -8.25 -6.08
N LEU A 240 14.76 -8.62 -5.62
CA LEU A 240 13.60 -8.62 -6.51
C LEU A 240 13.28 -7.22 -7.01
N LEU A 241 13.55 -6.19 -6.18
CA LEU A 241 13.33 -4.81 -6.56
C LEU A 241 14.24 -4.36 -7.70
N HIS A 242 15.26 -5.13 -8.05
CA HIS A 242 16.13 -4.84 -9.18
C HIS A 242 15.87 -5.75 -10.37
N HIS A 243 14.80 -6.55 -10.33
CA HIS A 243 14.46 -7.46 -11.41
C HIS A 243 13.55 -6.75 -12.42
N ASN A 244 13.77 -7.03 -13.70
CA ASN A 244 13.22 -6.17 -14.75
C ASN A 244 11.73 -6.34 -14.98
N ASP A 245 11.09 -7.35 -14.42
CA ASP A 245 9.70 -7.62 -14.78
C ASP A 245 8.78 -6.61 -14.10
N PRO A 246 7.85 -5.99 -14.82
CA PRO A 246 6.98 -4.97 -14.18
C PRO A 246 6.19 -5.52 -13.00
N GLU A 247 5.64 -6.72 -13.11
CA GLU A 247 4.80 -7.26 -12.04
C GLU A 247 5.63 -7.59 -10.81
N VAL A 248 6.81 -8.17 -11.01
CA VAL A 248 7.70 -8.44 -9.87
C VAL A 248 8.05 -7.13 -9.18
N LEU A 249 8.37 -6.10 -9.95
CA LEU A 249 8.73 -4.81 -9.36
C LEU A 249 7.56 -4.23 -8.57
N ALA A 250 6.36 -4.28 -9.14
CA ALA A 250 5.18 -3.77 -8.43
C ALA A 250 4.96 -4.53 -7.13
N ASP A 251 4.99 -5.86 -7.17
CA ASP A 251 4.78 -6.65 -5.97
C ASP A 251 5.87 -6.38 -4.94
N SER A 252 7.11 -6.20 -5.41
CA SER A 252 8.20 -5.87 -4.49
C SER A 252 7.95 -4.52 -3.82
N CYS A 253 7.47 -3.55 -4.58
CA CYS A 253 7.17 -2.24 -3.99
C CYS A 253 6.02 -2.34 -3.00
N TRP A 254 5.02 -3.19 -3.28
CA TRP A 254 3.94 -3.39 -2.33
C TRP A 254 4.47 -3.95 -1.02
N ALA A 255 5.32 -4.97 -1.10
CA ALA A 255 5.93 -5.54 0.10
C ALA A 255 6.66 -4.46 0.89
N ILE A 256 7.49 -3.66 0.21
CA ILE A 256 8.21 -2.59 0.89
C ILE A 256 7.23 -1.59 1.50
N SER A 257 6.16 -1.27 0.77
CA SER A 257 5.19 -0.32 1.29
C SER A 257 4.51 -0.85 2.54
N TYR A 258 4.31 -2.17 2.63
CA TYR A 258 3.78 -2.74 3.86
C TYR A 258 4.78 -2.62 5.00
N LEU A 259 6.05 -2.88 4.73
CA LEU A 259 7.05 -2.92 5.79
C LEU A 259 7.35 -1.52 6.33
N THR A 260 7.17 -0.49 5.52
CA THR A 260 7.41 0.89 5.95
C THR A 260 6.17 1.53 6.57
N ASP A 261 5.04 0.81 6.63
CA ASP A 261 3.82 1.33 7.23
C ASP A 261 3.81 0.93 8.71
N GLY A 262 4.50 1.74 9.51
CA GLY A 262 4.62 1.50 10.92
C GLY A 262 5.52 2.49 11.62
N PRO A 263 5.96 2.15 12.83
CA PRO A 263 6.82 3.08 13.59
C PRO A 263 8.19 3.24 12.93
N ASN A 264 8.96 4.18 13.48
CA ASN A 264 10.23 4.57 12.87
C ASN A 264 11.22 3.41 12.83
N GLU A 265 11.10 2.48 13.77
CA GLU A 265 12.01 1.33 13.79
C GLU A 265 11.81 0.46 12.56
N ARG A 266 10.56 0.23 12.15
CA ARG A 266 10.29 -0.57 10.96
C ARG A 266 10.79 0.14 9.70
N ILE A 267 10.48 1.43 9.57
CA ILE A 267 11.00 2.23 8.46
C ILE A 267 12.52 2.07 8.39
N GLU A 268 13.18 2.15 9.55
CA GLU A 268 14.64 2.11 9.57
C GLU A 268 15.18 0.79 9.02
N MET A 269 14.53 -0.33 9.36
CA MET A 269 14.96 -1.61 8.83
C MET A 269 15.04 -1.57 7.31
N VAL A 270 14.07 -0.91 6.68
CA VAL A 270 14.03 -0.83 5.23
C VAL A 270 15.06 0.15 4.70
N VAL A 271 15.08 1.37 5.26
CA VAL A 271 15.99 2.39 4.77
C VAL A 271 17.44 1.95 4.92
N LYS A 272 17.74 1.23 6.00
CA LYS A 272 19.11 0.78 6.22
C LYS A 272 19.58 -0.20 5.14
N LYS A 273 18.65 -0.90 4.49
CA LYS A 273 19.00 -1.83 3.42
C LYS A 273 19.32 -1.11 2.11
N GLY A 274 19.19 0.21 2.07
CA GLY A 274 19.69 0.99 0.95
C GLY A 274 18.77 1.09 -0.24
N VAL A 275 17.47 0.86 -0.07
CA VAL A 275 16.59 0.73 -1.23
C VAL A 275 15.97 2.05 -1.68
N VAL A 276 16.14 3.13 -0.92
CA VAL A 276 15.45 4.38 -1.23
C VAL A 276 15.78 4.86 -2.65
N PRO A 277 17.05 4.87 -3.08
CA PRO A 277 17.31 5.28 -4.47
C PRO A 277 16.56 4.46 -5.51
N GLN A 278 16.48 3.14 -5.32
CA GLN A 278 15.75 2.32 -6.28
C GLN A 278 14.26 2.60 -6.23
N LEU A 279 13.72 2.91 -5.04
CA LEU A 279 12.32 3.30 -4.96
C LEU A 279 12.06 4.61 -5.69
N VAL A 280 12.97 5.58 -5.54
CA VAL A 280 12.82 6.85 -6.24
C VAL A 280 12.84 6.63 -7.75
N LYS A 281 13.72 5.75 -8.22
CA LYS A 281 13.77 5.43 -9.64
C LYS A 281 12.45 4.81 -10.10
N LEU A 282 11.92 3.86 -9.32
CA LEU A 282 10.65 3.22 -9.69
C LEU A 282 9.51 4.22 -9.59
N LEU A 283 9.66 5.25 -8.76
CA LEU A 283 8.68 6.32 -8.70
C LEU A 283 8.50 7.01 -10.05
N GLY A 284 9.53 6.94 -10.90
CA GLY A 284 9.49 7.53 -12.22
C GLY A 284 9.12 6.57 -13.33
N ALA A 285 8.65 5.37 -13.00
CA ALA A 285 8.28 4.41 -14.02
C ALA A 285 7.03 4.87 -14.77
N THR A 286 6.87 4.35 -15.99
CA THR A 286 5.70 4.67 -16.79
C THR A 286 4.51 3.79 -16.43
N GLU A 287 4.74 2.61 -15.87
CA GLU A 287 3.66 1.73 -15.45
C GLU A 287 3.10 2.22 -14.13
N LEU A 288 1.82 2.55 -14.11
CA LEU A 288 1.19 3.05 -12.90
C LEU A 288 1.08 1.97 -11.82
N PRO A 289 0.99 0.68 -12.18
CA PRO A 289 1.04 -0.35 -11.12
C PRO A 289 2.37 -0.39 -10.38
N ILE A 290 3.42 0.19 -10.93
CA ILE A 290 4.68 0.33 -10.19
C ILE A 290 4.70 1.62 -9.39
N VAL A 291 4.27 2.73 -10.01
CA VAL A 291 4.32 4.03 -9.35
C VAL A 291 3.48 4.02 -8.08
N THR A 292 2.33 3.37 -8.12
CA THR A 292 1.42 3.44 -6.98
C THR A 292 2.03 2.89 -5.71
N PRO A 293 2.54 1.65 -5.67
CA PRO A 293 3.18 1.16 -4.43
C PRO A 293 4.50 1.85 -4.12
N ALA A 294 5.29 2.19 -5.14
CA ALA A 294 6.54 2.90 -4.87
C ALA A 294 6.28 4.23 -4.18
N LEU A 295 5.28 4.98 -4.66
CA LEU A 295 4.94 6.24 -4.03
C LEU A 295 4.40 6.02 -2.61
N ARG A 296 3.57 5.01 -2.42
CA ARG A 296 3.10 4.70 -1.07
C ARG A 296 4.28 4.42 -0.14
N ALA A 297 5.27 3.68 -0.61
CA ALA A 297 6.43 3.38 0.22
C ALA A 297 7.19 4.65 0.56
N ILE A 298 7.45 5.49 -0.44
CA ILE A 298 8.14 6.75 -0.19
C ILE A 298 7.35 7.60 0.80
N GLY A 299 6.02 7.63 0.63
CA GLY A 299 5.19 8.40 1.55
C GLY A 299 5.27 7.88 2.97
N ASN A 300 5.28 6.55 3.13
CA ASN A 300 5.44 5.99 4.46
C ASN A 300 6.78 6.37 5.07
N ILE A 301 7.84 6.35 4.26
CA ILE A 301 9.18 6.62 4.78
C ILE A 301 9.27 8.04 5.31
N VAL A 302 8.60 8.99 4.66
CA VAL A 302 8.70 10.39 5.11
C VAL A 302 7.78 10.68 6.28
N THR A 303 6.98 9.72 6.74
CA THR A 303 6.33 9.86 8.04
C THR A 303 7.30 9.56 9.18
N GLY A 304 8.54 9.17 8.87
CA GLY A 304 9.52 8.79 9.87
C GLY A 304 10.25 9.98 10.46
N THR A 305 11.51 9.76 10.81
CA THR A 305 12.32 10.85 11.34
C THR A 305 12.71 11.82 10.23
N ASP A 306 13.28 12.95 10.63
CA ASP A 306 13.76 13.93 9.65
C ASP A 306 14.97 13.40 8.89
N GLU A 307 15.74 12.50 9.50
CA GLU A 307 16.88 11.92 8.80
C GLU A 307 16.42 10.92 7.74
N GLN A 308 15.39 10.13 8.05
CA GLN A 308 14.83 9.21 7.05
C GLN A 308 14.22 9.99 5.89
N THR A 309 13.49 11.06 6.19
CA THR A 309 12.96 11.92 5.14
C THR A 309 14.09 12.48 4.28
N GLN A 310 15.22 12.82 4.90
CA GLN A 310 16.32 13.42 4.14
C GLN A 310 16.88 12.46 3.10
N LYS A 311 16.86 11.16 3.38
CA LYS A 311 17.38 10.19 2.41
C LYS A 311 16.48 10.09 1.20
N VAL A 312 15.18 10.33 1.36
CA VAL A 312 14.29 10.41 0.21
C VAL A 312 14.62 11.65 -0.63
N ILE A 313 14.90 12.77 0.03
CA ILE A 313 15.29 13.99 -0.68
C ILE A 313 16.62 13.78 -1.39
N ASP A 314 17.61 13.25 -0.66
CA ASP A 314 18.94 13.08 -1.24
C ASP A 314 18.91 12.15 -2.44
N ALA A 315 18.02 11.16 -2.44
CA ALA A 315 17.91 10.25 -3.58
C ALA A 315 17.28 10.90 -4.80
N GLY A 316 16.79 12.13 -4.67
CA GLY A 316 16.25 12.87 -5.79
C GLY A 316 14.76 12.77 -5.99
N ALA A 317 14.00 12.45 -4.94
CA ALA A 317 12.57 12.21 -5.12
C ALA A 317 11.82 13.48 -5.53
N LEU A 318 12.27 14.64 -5.07
CA LEU A 318 11.51 15.86 -5.32
C LEU A 318 11.42 16.18 -6.80
N ALA A 319 12.40 15.72 -7.60
CA ALA A 319 12.40 15.99 -9.02
C ALA A 319 11.24 15.30 -9.74
N VAL A 320 10.66 14.26 -9.14
CA VAL A 320 9.56 13.53 -9.77
C VAL A 320 8.21 14.16 -9.48
N PHE A 321 8.13 15.09 -8.55
CA PHE A 321 6.83 15.51 -8.05
C PHE A 321 6.13 16.54 -8.93
N PRO A 322 6.81 17.24 -9.84
CA PRO A 322 6.06 17.98 -10.85
C PRO A 322 5.07 17.10 -11.60
N SER A 323 5.50 15.89 -11.99
CA SER A 323 4.60 14.96 -12.66
C SER A 323 3.56 14.41 -11.68
N LEU A 324 4.01 13.96 -10.51
CA LEU A 324 3.11 13.28 -9.59
C LEU A 324 2.00 14.21 -9.10
N LEU A 325 2.32 15.48 -8.87
CA LEU A 325 1.32 16.41 -8.38
C LEU A 325 0.36 16.89 -9.47
N THR A 326 0.65 16.59 -10.74
CA THR A 326 -0.29 16.83 -11.83
C THR A 326 -0.75 15.52 -12.48
N ASN A 327 -0.53 14.39 -11.81
CA ASN A 327 -0.81 13.11 -12.42
C ASN A 327 -2.31 12.95 -12.64
N PRO A 328 -2.73 12.45 -13.80
CA PRO A 328 -4.17 12.36 -14.08
C PRO A 328 -4.90 11.33 -13.20
N LYS A 329 -4.20 10.41 -12.56
CA LYS A 329 -4.83 9.47 -11.62
C LYS A 329 -4.99 10.17 -10.28
N THR A 330 -6.23 10.29 -9.82
CA THR A 330 -6.52 11.06 -8.61
C THR A 330 -5.83 10.47 -7.39
N ASN A 331 -5.65 9.15 -7.35
CA ASN A 331 -5.00 8.53 -6.20
C ASN A 331 -3.51 8.88 -6.15
N ILE A 332 -2.85 8.94 -7.30
CA ILE A 332 -1.44 9.32 -7.31
C ILE A 332 -1.27 10.75 -6.84
N GLN A 333 -2.13 11.65 -7.32
CA GLN A 333 -2.08 13.05 -6.91
C GLN A 333 -2.32 13.19 -5.41
N LYS A 334 -3.28 12.44 -4.87
CA LYS A 334 -3.56 12.49 -3.45
C LYS A 334 -2.38 11.99 -2.64
N GLU A 335 -1.83 10.83 -3.03
CA GLU A 335 -0.71 10.26 -2.29
C GLU A 335 0.53 11.14 -2.39
N ALA A 336 0.73 11.76 -3.56
CA ALA A 336 1.88 12.64 -3.72
C ALA A 336 1.75 13.89 -2.87
N THR A 337 0.53 14.43 -2.76
CA THR A 337 0.32 15.61 -1.94
C THR A 337 0.45 15.28 -0.46
N TRP A 338 -0.09 14.13 -0.04
CA TRP A 338 0.15 13.62 1.31
C TRP A 338 1.65 13.52 1.60
N THR A 339 2.40 12.92 0.68
CA THR A 339 3.85 12.83 0.85
C THR A 339 4.47 14.21 1.03
N MET A 340 4.06 15.17 0.20
CA MET A 340 4.58 16.52 0.33
C MET A 340 4.27 17.10 1.71
N SER A 341 3.07 16.81 2.23
CA SER A 341 2.69 17.37 3.53
C SER A 341 3.63 16.90 4.63
N ASN A 342 4.10 15.67 4.54
CA ASN A 342 5.02 15.13 5.54
C ASN A 342 6.47 15.54 5.27
N ILE A 343 6.74 16.16 4.13
CA ILE A 343 8.05 16.76 3.91
C ILE A 343 8.07 18.21 4.39
N THR A 344 6.97 18.94 4.20
CA THR A 344 6.91 20.31 4.72
C THR A 344 6.75 20.35 6.23
N ALA A 345 6.49 19.20 6.86
CA ALA A 345 6.51 19.11 8.32
C ALA A 345 7.91 18.91 8.87
N GLY A 346 8.92 18.88 8.01
CA GLY A 346 10.29 18.65 8.42
C GLY A 346 11.02 19.93 8.76
N ARG A 347 12.34 19.89 8.60
CA ARG A 347 13.16 21.02 9.00
C ARG A 347 13.05 22.16 7.98
N GLN A 348 13.62 23.30 8.34
CA GLN A 348 13.60 24.46 7.47
C GLN A 348 14.46 24.22 6.22
N ASP A 349 15.58 23.52 6.37
CA ASP A 349 16.39 23.20 5.19
C ASP A 349 15.71 22.19 4.27
N GLN A 350 14.73 21.44 4.79
CA GLN A 350 13.97 20.54 3.94
C GLN A 350 12.83 21.27 3.25
N ILE A 351 12.13 22.14 3.98
CA ILE A 351 11.21 23.08 3.34
C ILE A 351 11.93 23.82 2.23
N GLN A 352 13.18 24.24 2.49
CA GLN A 352 13.92 25.00 1.49
C GLN A 352 14.14 24.20 0.21
N GLN A 353 14.37 22.90 0.35
CA GLN A 353 14.56 22.07 -0.84
C GLN A 353 13.26 21.89 -1.61
N VAL A 354 12.11 21.89 -0.92
CA VAL A 354 10.84 21.96 -1.61
C VAL A 354 10.74 23.25 -2.41
N VAL A 355 11.21 24.35 -1.81
CA VAL A 355 11.22 25.63 -2.50
C VAL A 355 12.12 25.56 -3.73
N ASN A 356 13.34 25.05 -3.55
CA ASN A 356 14.32 25.08 -4.64
C ASN A 356 13.88 24.25 -5.83
N HIS A 357 13.19 23.14 -5.58
CA HIS A 357 12.73 22.28 -6.66
C HIS A 357 11.50 22.83 -7.37
N GLY A 358 11.05 24.02 -7.00
CA GLY A 358 9.93 24.66 -7.68
C GLY A 358 8.60 24.03 -7.40
N LEU A 359 8.44 23.40 -6.24
CA LEU A 359 7.25 22.64 -5.93
C LEU A 359 6.15 23.44 -5.24
N VAL A 360 6.45 24.67 -4.80
CA VAL A 360 5.43 25.46 -4.13
C VAL A 360 4.35 25.86 -5.12
N PRO A 361 4.70 26.29 -6.34
CA PRO A 361 3.64 26.54 -7.34
C PRO A 361 2.78 25.32 -7.62
N PHE A 362 3.35 24.12 -7.54
CA PHE A 362 2.54 22.91 -7.73
C PHE A 362 1.60 22.68 -6.56
N LEU A 363 2.03 23.03 -5.35
CA LEU A 363 1.11 22.96 -4.21
C LEU A 363 0.00 24.00 -4.34
N VAL A 364 0.34 25.20 -4.80
CA VAL A 364 -0.70 26.20 -5.09
C VAL A 364 -1.65 25.65 -6.13
N GLY A 365 -1.13 24.90 -7.10
CA GLY A 365 -1.98 24.34 -8.13
C GLY A 365 -3.00 23.36 -7.58
N VAL A 366 -2.54 22.39 -6.79
CA VAL A 366 -3.47 21.39 -6.28
C VAL A 366 -4.44 22.02 -5.28
N LEU A 367 -3.99 23.01 -4.52
CA LEU A 367 -4.92 23.73 -3.65
C LEU A 367 -6.00 24.43 -4.47
N SER A 368 -5.63 24.94 -5.64
CA SER A 368 -6.59 25.66 -6.47
C SER A 368 -7.57 24.73 -7.18
N LYS A 369 -7.12 23.53 -7.55
CA LYS A 369 -7.97 22.63 -8.33
C LYS A 369 -7.44 21.21 -8.21
N ALA A 370 -8.29 20.31 -7.70
CA ALA A 370 -7.97 18.90 -7.54
C ALA A 370 -9.17 18.26 -6.85
N ASP A 371 -9.16 16.93 -6.80
CA ASP A 371 -10.14 16.22 -6.00
C ASP A 371 -10.10 16.75 -4.57
N PHE A 372 -11.27 16.76 -3.91
CA PHE A 372 -11.33 17.43 -2.62
C PHE A 372 -10.33 16.83 -1.63
N LYS A 373 -10.23 15.50 -1.59
CA LYS A 373 -9.31 14.87 -0.64
C LYS A 373 -7.87 15.30 -0.91
N THR A 374 -7.50 15.44 -2.19
CA THR A 374 -6.18 15.96 -2.53
C THR A 374 -6.02 17.39 -2.02
N GLN A 375 -7.04 18.23 -2.21
CA GLN A 375 -6.99 19.59 -1.71
C GLN A 375 -6.78 19.61 -0.20
N LYS A 376 -7.41 18.67 0.50
CA LYS A 376 -7.26 18.60 1.95
C LYS A 376 -5.85 18.23 2.35
N GLU A 377 -5.22 17.31 1.62
CA GLU A 377 -3.80 17.05 1.84
C GLU A 377 -2.96 18.28 1.53
N ALA A 378 -3.34 19.02 0.48
CA ALA A 378 -2.64 20.25 0.16
C ALA A 378 -2.77 21.27 1.30
N ALA A 379 -3.96 21.40 1.86
CA ALA A 379 -4.15 22.27 3.02
C ALA A 379 -3.20 21.89 4.15
N TRP A 380 -3.10 20.59 4.44
CA TRP A 380 -2.17 20.13 5.47
C TRP A 380 -0.74 20.52 5.11
N ALA A 381 -0.34 20.27 3.86
CA ALA A 381 1.02 20.63 3.43
C ALA A 381 1.32 22.10 3.69
N ILE A 382 0.31 22.96 3.50
CA ILE A 382 0.52 24.39 3.72
C ILE A 382 0.59 24.71 5.20
N THR A 383 -0.27 24.08 6.00
CA THR A 383 -0.25 24.33 7.44
C THR A 383 1.07 23.87 8.06
N ASN A 384 1.61 22.75 7.59
CA ASN A 384 2.90 22.30 8.07
C ASN A 384 4.02 23.23 7.62
N TYR A 385 3.97 23.67 6.36
CA TYR A 385 4.95 24.61 5.81
C TYR A 385 5.00 25.89 6.65
N THR A 386 3.84 26.54 6.82
CA THR A 386 3.80 27.79 7.56
C THR A 386 4.17 27.59 9.02
N SER A 387 3.89 26.41 9.57
CA SER A 387 4.19 26.15 10.97
C SER A 387 5.69 26.04 11.21
N GLY A 388 6.43 25.49 10.25
CA GLY A 388 7.84 25.22 10.46
C GLY A 388 8.81 26.10 9.68
N GLY A 389 8.30 26.89 8.75
CA GLY A 389 9.16 27.64 7.86
C GLY A 389 9.61 28.98 8.41
N THR A 390 10.69 29.49 7.81
CA THR A 390 11.18 30.82 8.13
C THR A 390 10.21 31.89 7.62
N VAL A 391 10.46 33.13 8.01
CA VAL A 391 9.71 34.26 7.46
C VAL A 391 9.87 34.31 5.95
N GLU A 392 11.11 34.24 5.47
CA GLU A 392 11.37 34.32 4.04
C GLU A 392 10.58 33.27 3.29
N GLN A 393 10.59 32.03 3.78
CA GLN A 393 9.88 30.95 3.10
C GLN A 393 8.38 31.22 3.07
N ILE A 394 7.84 31.79 4.15
CA ILE A 394 6.41 32.09 4.17
C ILE A 394 6.10 33.25 3.24
N VAL A 395 6.96 34.27 3.22
CA VAL A 395 6.79 35.36 2.25
C VAL A 395 6.74 34.80 0.83
N TYR A 396 7.70 33.92 0.51
CA TYR A 396 7.72 33.31 -0.81
C TYR A 396 6.43 32.57 -1.10
N LEU A 397 5.92 31.83 -0.11
CA LEU A 397 4.66 31.11 -0.30
C LEU A 397 3.54 32.05 -0.71
N VAL A 398 3.42 33.19 -0.03
CA VAL A 398 2.37 34.14 -0.38
C VAL A 398 2.60 34.69 -1.78
N HIS A 399 3.86 34.97 -2.12
CA HIS A 399 4.17 35.50 -3.45
C HIS A 399 3.85 34.51 -4.55
N CYS A 400 3.79 33.21 -4.23
CA CYS A 400 3.40 32.21 -5.22
C CYS A 400 1.89 32.14 -5.41
N GLY A 401 1.12 32.84 -4.58
CA GLY A 401 -0.31 32.92 -4.74
C GLY A 401 -1.14 31.99 -3.87
N ILE A 402 -0.70 31.74 -2.64
CA ILE A 402 -1.41 30.74 -1.83
C ILE A 402 -2.69 31.31 -1.25
N ILE A 403 -2.79 32.63 -1.06
CA ILE A 403 -3.89 33.18 -0.28
C ILE A 403 -5.23 32.86 -0.92
N GLU A 404 -5.39 33.19 -2.19
CA GLU A 404 -6.72 33.07 -2.80
C GLU A 404 -7.25 31.65 -2.78
N PRO A 405 -6.55 30.64 -3.29
CA PRO A 405 -7.09 29.27 -3.19
C PRO A 405 -7.31 28.82 -1.76
N LEU A 406 -6.53 29.34 -0.81
CA LEU A 406 -6.74 29.02 0.60
C LEU A 406 -8.10 29.53 1.07
N MET A 407 -8.44 30.78 0.74
CA MET A 407 -9.73 31.32 1.12
C MET A 407 -10.86 30.58 0.43
N ASN A 408 -10.74 30.35 -0.88
CA ASN A 408 -11.77 29.66 -1.63
C ASN A 408 -12.14 28.33 -0.97
N LEU A 409 -11.20 27.71 -0.27
CA LEU A 409 -11.47 26.43 0.39
C LEU A 409 -12.18 26.60 1.73
N LEU A 410 -12.24 27.82 2.28
CA LEU A 410 -13.03 28.04 3.48
C LEU A 410 -14.52 27.85 3.23
N SER A 411 -14.95 27.78 1.96
CA SER A 411 -16.34 27.53 1.63
C SER A 411 -16.74 26.07 1.80
N ALA A 412 -15.79 25.19 2.12
CA ALA A 412 -16.02 23.76 2.05
C ALA A 412 -16.78 23.25 3.26
N LYS A 413 -17.49 22.13 3.06
CA LYS A 413 -18.23 21.48 4.14
C LYS A 413 -17.39 20.33 4.72
N ASP A 414 -16.32 20.73 5.40
CA ASP A 414 -15.47 19.79 6.12
C ASP A 414 -14.79 20.61 7.20
N THR A 415 -15.21 20.44 8.45
CA THR A 415 -14.73 21.32 9.50
C THR A 415 -13.26 21.12 9.81
N LYS A 416 -12.70 19.94 9.50
CA LYS A 416 -11.28 19.71 9.74
C LYS A 416 -10.42 20.53 8.79
N ILE A 417 -10.81 20.64 7.53
CA ILE A 417 -10.00 21.44 6.61
C ILE A 417 -10.13 22.92 6.94
N ILE A 418 -11.30 23.35 7.43
CA ILE A 418 -11.45 24.73 7.86
C ILE A 418 -10.50 25.04 9.02
N GLN A 419 -10.40 24.10 9.97
CA GLN A 419 -9.44 24.27 11.05
C GLN A 419 -8.02 24.37 10.51
N VAL A 420 -7.65 23.45 9.61
CA VAL A 420 -6.31 23.43 9.05
C VAL A 420 -5.99 24.75 8.37
N ILE A 421 -6.97 25.31 7.65
CA ILE A 421 -6.72 26.54 6.89
C ILE A 421 -6.60 27.72 7.84
N LEU A 422 -7.50 27.82 8.82
CA LEU A 422 -7.43 28.91 9.78
C LEU A 422 -6.10 28.88 10.54
N ASP A 423 -5.62 27.68 10.88
CA ASP A 423 -4.31 27.55 11.49
C ASP A 423 -3.21 28.08 10.56
N ALA A 424 -3.33 27.77 9.27
CA ALA A 424 -2.33 28.27 8.32
C ALA A 424 -2.37 29.79 8.22
N ILE A 425 -3.57 30.37 8.26
CA ILE A 425 -3.69 31.82 8.13
C ILE A 425 -3.08 32.50 9.35
N SER A 426 -3.28 31.94 10.54
CA SER A 426 -2.65 32.49 11.74
C SER A 426 -1.13 32.48 11.59
N ASN A 427 -0.58 31.34 11.15
CA ASN A 427 0.86 31.23 10.96
C ASN A 427 1.37 32.32 10.02
N ILE A 428 0.63 32.57 8.93
CA ILE A 428 1.09 33.56 7.96
C ILE A 428 0.98 34.97 8.56
N PHE A 429 -0.10 35.25 9.28
CA PHE A 429 -0.22 36.53 9.94
C PHE A 429 0.91 36.74 10.94
N GLN A 430 1.34 35.67 11.61
CA GLN A 430 2.46 35.79 12.54
C GLN A 430 3.74 36.19 11.83
N ALA A 431 4.00 35.60 10.66
CA ALA A 431 5.17 36.00 9.88
C ALA A 431 5.03 37.44 9.38
N ALA A 432 3.81 37.86 9.07
CA ALA A 432 3.59 39.25 8.66
C ALA A 432 3.82 40.21 9.83
N GLU A 433 3.31 39.87 11.01
CA GLU A 433 3.58 40.67 12.20
C GLU A 433 5.07 40.92 12.35
N LYS A 434 5.88 39.86 12.24
CA LYS A 434 7.32 39.99 12.38
C LYS A 434 7.92 40.93 11.35
N LEU A 435 7.26 41.11 10.21
CA LEU A 435 7.71 42.07 9.20
C LEU A 435 6.95 43.39 9.26
N GLY A 436 5.99 43.51 10.17
CA GLY A 436 5.19 44.72 10.25
C GLY A 436 4.35 44.96 9.02
N GLU A 437 3.90 43.89 8.35
CA GLU A 437 3.09 44.00 7.15
C GLU A 437 1.75 43.28 7.34
N THR A 438 1.25 43.29 8.57
CA THR A 438 -0.06 42.73 8.85
C THR A 438 -1.12 43.33 7.93
N GLU A 439 -0.99 44.62 7.61
CA GLU A 439 -2.05 45.32 6.89
C GLU A 439 -2.08 44.92 5.42
N LYS A 440 -0.91 44.78 4.77
CA LYS A 440 -0.92 44.32 3.39
C LYS A 440 -1.63 42.97 3.28
N LEU A 441 -1.45 42.11 4.28
CA LEU A 441 -2.03 40.78 4.22
C LEU A 441 -3.52 40.82 4.48
N SER A 442 -3.95 41.67 5.42
CA SER A 442 -5.38 41.85 5.65
C SER A 442 -6.07 42.34 4.38
N ILE A 443 -5.45 43.30 3.69
CA ILE A 443 -6.03 43.85 2.47
C ILE A 443 -6.12 42.77 1.40
N MET A 444 -5.08 41.93 1.30
CA MET A 444 -5.04 40.89 0.28
C MET A 444 -6.12 39.84 0.53
N ILE A 445 -6.34 39.47 1.80
CA ILE A 445 -7.39 38.50 2.13
C ILE A 445 -8.76 39.11 1.85
N GLU A 446 -8.91 40.41 2.08
CA GLU A 446 -10.20 41.05 1.88
C GLU A 446 -10.54 41.16 0.40
N GLU A 447 -9.54 41.40 -0.44
CA GLU A 447 -9.82 41.66 -1.84
C GLU A 447 -10.23 40.39 -2.59
N CYS A 448 -9.74 39.23 -2.17
CA CYS A 448 -10.10 37.98 -2.82
C CYS A 448 -11.36 37.35 -2.25
N GLY A 449 -12.04 38.05 -1.34
CA GLY A 449 -13.25 37.53 -0.75
C GLY A 449 -13.06 36.69 0.50
N GLY A 450 -11.85 36.69 1.08
CA GLY A 450 -11.60 35.86 2.22
C GLY A 450 -12.20 36.37 3.52
N LEU A 451 -12.25 37.69 3.69
CA LEU A 451 -12.85 38.26 4.88
C LEU A 451 -14.29 37.79 5.03
N ASP A 452 -15.07 37.89 3.95
CA ASP A 452 -16.46 37.44 3.99
C ASP A 452 -16.56 36.03 4.58
N LYS A 453 -15.75 35.11 4.09
CA LYS A 453 -15.83 33.73 4.54
C LYS A 453 -15.41 33.58 6.00
N ILE A 454 -14.50 34.43 6.48
CA ILE A 454 -14.03 34.28 7.85
C ILE A 454 -15.08 34.74 8.85
N GLU A 455 -15.87 35.77 8.51
CA GLU A 455 -16.93 36.19 9.41
C GLU A 455 -18.08 35.20 9.40
N ALA A 456 -18.43 34.69 8.23
CA ALA A 456 -19.36 33.57 8.12
C ALA A 456 -18.97 32.49 9.12
N LEU A 457 -17.67 32.32 9.34
CA LEU A 457 -17.18 31.30 10.26
C LEU A 457 -17.15 31.76 11.72
N GLN A 458 -17.32 33.07 11.97
CA GLN A 458 -17.55 33.50 13.34
C GLN A 458 -18.76 32.80 13.94
N ARG A 459 -19.80 32.60 13.14
CA ARG A 459 -21.03 31.93 13.56
C ARG A 459 -21.07 30.49 13.05
N HIS A 460 -19.92 29.82 13.01
CA HIS A 460 -19.86 28.42 12.66
C HIS A 460 -20.28 27.54 13.83
N GLU A 461 -20.64 26.29 13.53
CA GLU A 461 -21.11 25.38 14.57
C GLU A 461 -19.97 24.94 15.47
N ASN A 462 -18.95 24.28 14.90
CA ASN A 462 -17.82 23.80 15.69
C ASN A 462 -17.21 24.95 16.49
N GLU A 463 -16.80 24.64 17.72
CA GLU A 463 -16.32 25.67 18.64
C GLU A 463 -14.88 26.08 18.33
N SER A 464 -14.04 25.15 17.90
CA SER A 464 -12.67 25.50 17.54
C SER A 464 -12.65 26.43 16.34
N VAL A 465 -13.57 26.21 15.39
CA VAL A 465 -13.67 27.09 14.22
C VAL A 465 -13.97 28.52 14.66
N TYR A 466 -15.11 28.71 15.36
CA TYR A 466 -15.56 30.09 15.57
C TYR A 466 -14.64 30.85 16.53
N LYS A 467 -13.90 30.16 17.40
CA LYS A 467 -12.96 30.88 18.27
C LYS A 467 -11.70 31.28 17.51
N ALA A 468 -11.25 30.43 16.59
CA ALA A 468 -10.12 30.82 15.74
C ALA A 468 -10.53 31.96 14.79
N SER A 469 -11.76 31.91 14.29
CA SER A 469 -12.23 32.97 13.40
C SER A 469 -12.34 34.30 14.12
N LEU A 470 -13.09 34.33 15.23
CA LEU A 470 -13.23 35.57 15.99
C LEU A 470 -11.85 36.17 16.28
N ASN A 471 -10.94 35.34 16.83
CA ASN A 471 -9.58 35.81 17.11
C ASN A 471 -8.97 36.51 15.90
N LEU A 472 -9.11 35.92 14.73
CA LEU A 472 -8.53 36.52 13.53
C LEU A 472 -9.15 37.88 13.23
N ILE A 473 -10.47 37.98 13.30
CA ILE A 473 -11.13 39.24 13.03
C ILE A 473 -10.82 40.25 14.13
N GLU A 474 -10.90 39.82 15.39
CA GLU A 474 -10.56 40.74 16.48
C GLU A 474 -9.19 41.35 16.27
N LYS A 475 -8.21 40.54 15.86
CA LYS A 475 -6.81 40.95 15.88
C LYS A 475 -6.37 41.64 14.60
N TYR A 476 -6.84 41.20 13.44
CA TYR A 476 -6.34 41.68 12.17
C TYR A 476 -7.37 42.45 11.34
N PHE A 477 -8.66 42.26 11.60
CA PHE A 477 -9.69 42.96 10.86
C PHE A 477 -10.56 43.78 11.81
N SER A 478 -9.97 44.75 12.50
CA SER A 478 -10.72 45.63 13.39
C SER A 478 -11.14 46.90 12.67
N THR B 13 -1.40 -10.02 -9.77
CA THR B 13 -1.04 -10.13 -8.36
C THR B 13 -1.22 -8.77 -7.68
N LEU B 14 -0.15 -7.97 -7.69
CA LEU B 14 -0.17 -6.58 -7.19
C LEU B 14 -0.64 -6.58 -5.74
N GLY B 15 -1.58 -5.72 -5.36
CA GLY B 15 -2.01 -5.57 -3.98
C GLY B 15 -3.19 -6.43 -3.57
N ARG B 16 -3.56 -7.40 -4.38
CA ARG B 16 -4.62 -8.33 -4.00
C ARG B 16 -4.12 -9.24 -2.88
N ASN B 17 -4.93 -9.36 -1.82
CA ASN B 17 -4.53 -10.20 -0.69
C ASN B 17 -4.87 -11.67 -0.92
N LYS B 18 -5.82 -11.97 -1.79
CA LYS B 18 -6.14 -13.33 -2.17
C LYS B 18 -6.49 -13.36 -3.65
N ARG B 19 -6.23 -14.48 -4.30
CA ARG B 19 -6.65 -14.59 -5.69
C ARG B 19 -6.78 -16.05 -6.11
N PRO B 20 -7.85 -16.41 -6.80
CA PRO B 20 -8.00 -17.77 -7.30
C PRO B 20 -7.19 -17.97 -8.56
N ARG B 21 -6.98 -19.24 -8.91
CA ARG B 21 -6.35 -19.58 -10.17
C ARG B 21 -7.46 -20.00 -11.14
N LEU B 22 -7.71 -19.16 -12.14
CA LEU B 22 -8.68 -19.46 -13.19
C LEU B 22 -7.96 -20.12 -14.36
#